data_2NN3
#
_entry.id   2NN3
#
_cell.length_a   106.223
_cell.length_b   106.223
_cell.length_c   113.595
_cell.angle_alpha   90.00
_cell.angle_beta   90.00
_cell.angle_gamma   120.00
#
_symmetry.space_group_name_H-M   'P 65'
#
loop_
_entity.id
_entity.type
_entity.pdbx_description
1 polymer Caspase-1
2 water water
#
_entity_poly.entity_id   1
_entity_poly.type   'polypeptide(L)'
_entity_poly.pdbx_seq_one_letter_code
;MLDGKQDNGNVDSVDIKQRTNGGGDEGDALGSNSSSQPNRVARMPVDRNAPYYNMNHKHRGMAIIFNHEHFDIHSLKSRT
GTNVDSDNLSKVLKTLGFKVTVFPNLKSEEINKFIQQTAEMDHSDADCLLVAVLTAGELGMLYAKDTHYKPDNLWYYFTA
DKCPTLAGKPKLFFIQACQGDRLDGGITLSRTETDGSPSTSYRIPVHADFLIAFSTVPGYFSWRNTTRGSWFMQALCEEL
RYAGTERDILTLLTFVCQKVALDFESNAPDSAMMHQQKQVPCITSMLTRLLVFGKKQSHGGGLEHHHHHH
;
_entity_poly.pdbx_strand_id   C,D
#
# COMPACT_ATOMS: atom_id res chain seq x y z
N VAL A 46 -23.60 15.08 -7.36
CA VAL A 46 -22.36 15.11 -8.18
C VAL A 46 -22.18 13.81 -8.98
N ASP A 47 -21.42 12.84 -8.44
CA ASP A 47 -21.03 11.64 -9.18
C ASP A 47 -20.75 10.44 -8.28
N ARG A 48 -20.79 9.26 -8.90
CA ARG A 48 -20.18 8.05 -8.33
C ARG A 48 -18.70 8.05 -8.66
N ASN A 49 -18.35 8.75 -9.77
CA ASN A 49 -16.96 8.95 -10.18
C ASN A 49 -16.47 10.37 -9.86
N ALA A 50 -16.64 10.75 -8.59
CA ALA A 50 -16.15 12.02 -8.08
C ALA A 50 -14.71 11.91 -7.58
N PRO A 51 -13.90 12.93 -7.84
CA PRO A 51 -12.54 12.99 -7.33
C PRO A 51 -12.38 12.99 -5.80
N TYR A 52 -13.37 13.47 -5.04
CA TYR A 52 -13.18 13.56 -3.57
C TYR A 52 -14.16 12.75 -2.72
N TYR A 53 -13.76 12.49 -1.48
CA TYR A 53 -14.63 11.87 -0.49
C TYR A 53 -15.46 12.98 0.13
N ASN A 54 -16.75 12.72 0.30
CA ASN A 54 -17.69 13.68 0.89
C ASN A 54 -17.32 13.92 2.37
N MET A 55 -16.57 14.97 2.65
CA MET A 55 -16.14 15.21 4.01
C MET A 55 -16.90 16.38 4.61
N ASN A 56 -18.20 16.18 4.89
CA ASN A 56 -18.95 17.09 5.77
C ASN A 56 -20.36 16.59 6.05
N HIS A 57 -20.45 15.62 6.93
CA HIS A 57 -21.73 15.20 7.50
C HIS A 57 -21.68 15.72 8.93
N LYS A 58 -22.84 15.80 9.59
CA LYS A 58 -22.95 16.29 10.99
C LYS A 58 -21.65 16.22 11.79
N HIS A 59 -21.05 15.02 11.79
CA HIS A 59 -19.81 14.76 12.53
C HIS A 59 -18.77 14.10 11.62
N ARG A 60 -17.52 14.18 12.05
CA ARG A 60 -16.40 13.67 11.30
C ARG A 60 -16.34 12.15 11.40
N GLY A 61 -16.40 11.63 12.62
CA GLY A 61 -16.23 10.20 12.85
C GLY A 61 -15.36 9.95 14.07
N MET A 62 -15.35 8.70 14.54
CA MET A 62 -14.65 8.38 15.76
C MET A 62 -13.21 8.09 15.42
N ALA A 63 -12.27 8.65 16.16
CA ALA A 63 -10.93 8.08 16.15
C ALA A 63 -10.78 7.39 17.49
N ILE A 64 -10.37 6.13 17.45
CA ILE A 64 -10.21 5.36 18.67
C ILE A 64 -8.78 4.81 18.72
N ILE A 65 -8.10 5.12 19.80
CA ILE A 65 -6.67 4.90 19.87
C ILE A 65 -6.35 3.80 20.88
N PHE A 66 -5.71 2.73 20.42
CA PHE A 66 -5.31 1.71 21.37
C PHE A 66 -3.83 1.92 21.66
N ASN A 67 -3.55 2.19 22.94
CA ASN A 67 -2.23 2.63 23.38
C ASN A 67 -1.54 1.71 24.40
N HIS A 68 -0.43 1.10 24.01
CA HIS A 68 0.23 0.16 24.92
C HIS A 68 1.62 0.60 25.42
N GLU A 69 1.76 0.70 26.74
CA GLU A 69 3.02 1.08 27.36
C GLU A 69 3.59 -0.09 28.14
N HIS A 70 2.72 -0.81 28.85
CA HIS A 70 3.13 -1.92 29.71
C HIS A 70 2.54 -3.25 29.26
N PHE A 71 3.30 -4.34 29.46
CA PHE A 71 2.90 -5.67 28.96
C PHE A 71 2.97 -6.75 30.02
N ASP A 72 1.83 -7.36 30.31
CA ASP A 72 1.80 -8.52 31.22
C ASP A 72 2.42 -9.77 30.57
N ILE A 73 3.53 -9.54 29.87
CA ILE A 73 4.23 -10.59 29.13
C ILE A 73 5.64 -10.42 29.58
N HIS A 74 6.08 -11.39 30.37
CA HIS A 74 7.45 -11.49 30.82
C HIS A 74 8.42 -11.06 29.72
N SER A 75 9.31 -10.13 30.07
CA SER A 75 10.49 -9.83 29.24
C SER A 75 10.24 -9.05 27.95
N LEU A 76 9.00 -8.62 27.73
CA LEU A 76 8.75 -7.63 26.71
C LEU A 76 8.97 -6.26 27.34
N LYS A 77 10.04 -5.56 26.93
CA LYS A 77 10.36 -4.25 27.54
C LYS A 77 9.20 -3.28 27.48
N SER A 78 9.08 -2.46 28.52
CA SER A 78 8.02 -1.43 28.60
C SER A 78 8.20 -0.35 27.51
N ARG A 79 7.08 0.20 27.04
CA ARG A 79 7.14 1.22 25.99
C ARG A 79 7.04 2.65 26.57
N THR A 80 8.17 3.31 26.73
CA THR A 80 8.15 4.59 27.42
C THR A 80 7.90 5.77 26.48
N GLY A 81 6.97 6.63 26.86
CA GLY A 81 6.67 7.82 26.08
C GLY A 81 5.89 7.44 24.84
N THR A 82 5.24 6.27 24.93
CA THR A 82 4.16 5.93 24.02
C THR A 82 3.00 6.91 24.27
N ASN A 83 2.97 7.48 25.49
CA ASN A 83 1.97 8.47 25.90
C ASN A 83 2.15 9.82 25.26
N VAL A 84 3.40 10.20 24.96
CA VAL A 84 3.63 11.41 24.17
C VAL A 84 2.98 11.27 22.80
N ASP A 85 3.35 10.24 22.06
CA ASP A 85 2.73 10.00 20.78
C ASP A 85 1.21 10.01 20.89
N SER A 86 0.67 9.18 21.77
CA SER A 86 -0.78 9.08 21.96
C SER A 86 -1.48 10.42 22.23
N ASP A 87 -0.99 11.16 23.21
CA ASP A 87 -1.59 12.42 23.60
C ASP A 87 -1.34 13.47 22.53
N ASN A 88 -0.28 13.32 21.78
CA ASN A 88 -0.05 14.22 20.64
C ASN A 88 -1.08 13.95 19.55
N LEU A 89 -1.24 12.69 19.19
CA LEU A 89 -2.25 12.31 18.26
C LEU A 89 -3.64 12.70 18.75
N SER A 90 -4.01 12.35 19.97
CA SER A 90 -5.35 12.66 20.45
C SER A 90 -5.63 14.15 20.24
N LYS A 91 -4.71 15.00 20.69
CA LYS A 91 -4.76 16.44 20.47
C LYS A 91 -5.25 16.81 19.07
N VAL A 92 -4.44 16.51 18.06
CA VAL A 92 -4.71 16.97 16.69
C VAL A 92 -6.03 16.43 16.13
N LEU A 93 -6.34 15.17 16.40
CA LEU A 93 -7.54 14.57 15.84
C LEU A 93 -8.83 15.25 16.32
N LYS A 94 -8.77 15.81 17.53
CA LYS A 94 -9.85 16.65 18.03
C LYS A 94 -10.07 17.91 17.13
N THR A 95 -8.98 18.63 16.85
CA THR A 95 -9.02 19.87 16.08
C THR A 95 -9.43 19.59 14.65
N LEU A 96 -9.31 18.33 14.23
CA LEU A 96 -9.82 17.95 12.94
C LEU A 96 -11.28 17.54 13.01
N GLY A 97 -11.82 17.41 14.22
CA GLY A 97 -13.24 17.13 14.42
C GLY A 97 -13.61 15.72 14.81
N PHE A 98 -12.64 14.84 14.98
CA PHE A 98 -12.93 13.46 15.39
C PHE A 98 -13.31 13.41 16.87
N LYS A 99 -14.21 12.50 17.22
CA LYS A 99 -14.50 12.23 18.63
C LYS A 99 -13.57 11.12 19.07
N VAL A 100 -12.49 11.52 19.73
CA VAL A 100 -11.35 10.64 20.00
C VAL A 100 -11.60 9.85 21.29
N THR A 101 -11.11 8.62 21.36
CA THR A 101 -11.15 7.88 22.61
C THR A 101 -9.85 7.17 22.76
N VAL A 102 -9.20 7.38 23.90
CA VAL A 102 -7.94 6.72 24.12
C VAL A 102 -8.25 5.55 25.02
N PHE A 103 -7.79 4.36 24.67
CA PHE A 103 -7.89 3.21 25.57
C PHE A 103 -6.47 2.76 25.93
N PRO A 104 -6.05 3.00 27.18
CA PRO A 104 -4.70 2.61 27.59
C PRO A 104 -4.65 1.17 28.05
N ASN A 105 -3.72 0.42 27.47
CA ASN A 105 -3.33 -0.92 27.94
C ASN A 105 -4.41 -2.01 28.09
N LEU A 106 -5.16 -2.29 27.02
CA LEU A 106 -6.25 -3.27 27.10
C LEU A 106 -5.78 -4.69 26.82
N LYS A 107 -6.41 -5.66 27.48
CA LYS A 107 -6.17 -7.07 27.23
C LYS A 107 -6.71 -7.33 25.84
N SER A 108 -6.07 -8.24 25.13
CA SER A 108 -6.39 -8.50 23.73
C SER A 108 -7.88 -8.69 23.48
N GLU A 109 -8.55 -9.46 24.33
CA GLU A 109 -9.98 -9.74 24.15
C GLU A 109 -10.84 -8.48 24.23
N GLU A 110 -10.49 -7.54 25.10
CA GLU A 110 -11.22 -6.27 25.25
C GLU A 110 -11.15 -5.34 24.01
N ILE A 111 -9.99 -5.23 23.39
CA ILE A 111 -9.85 -4.45 22.15
C ILE A 111 -10.86 -4.91 21.10
N ASN A 112 -10.95 -6.22 20.93
CA ASN A 112 -11.91 -6.81 20.01
C ASN A 112 -13.31 -6.47 20.43
N LYS A 113 -13.57 -6.35 21.73
CA LYS A 113 -14.92 -6.01 22.15
C LYS A 113 -15.26 -4.56 21.79
N PHE A 114 -14.36 -3.62 22.03
CA PHE A 114 -14.63 -2.23 21.69
C PHE A 114 -14.65 -2.03 20.19
N ILE A 115 -13.59 -2.48 19.51
CA ILE A 115 -13.53 -2.35 18.05
C ILE A 115 -14.83 -2.81 17.42
N GLN A 116 -15.28 -3.98 17.85
CA GLN A 116 -16.50 -4.63 17.35
C GLN A 116 -17.74 -3.82 17.72
N GLN A 117 -17.83 -3.43 18.97
CA GLN A 117 -18.90 -2.58 19.44
C GLN A 117 -18.84 -1.18 18.83
N THR A 118 -17.71 -0.83 18.22
CA THR A 118 -17.65 0.37 17.40
C THR A 118 -18.30 0.00 16.06
N ALA A 119 -17.77 -1.04 15.42
CA ALA A 119 -18.26 -1.53 14.13
C ALA A 119 -19.78 -1.76 14.03
N GLU A 120 -20.47 -1.75 15.18
CA GLU A 120 -21.93 -1.95 15.21
C GLU A 120 -22.65 -0.68 15.64
N MET A 121 -22.40 0.43 14.94
CA MET A 121 -23.04 1.72 15.23
C MET A 121 -23.49 2.40 13.96
N ASP A 122 -24.41 3.36 14.09
CA ASP A 122 -24.95 4.10 12.95
C ASP A 122 -23.97 5.21 12.51
N HIS A 123 -22.99 4.84 11.69
CA HIS A 123 -21.98 5.79 11.21
C HIS A 123 -22.49 6.73 10.13
N SER A 124 -23.80 6.70 9.92
CA SER A 124 -24.49 7.44 8.86
C SER A 124 -24.26 8.95 8.87
N ASP A 125 -24.09 9.51 10.05
CA ASP A 125 -23.77 10.93 10.23
C ASP A 125 -22.25 11.21 10.19
N ALA A 126 -21.45 10.17 9.91
CA ALA A 126 -19.99 10.29 9.98
C ALA A 126 -19.32 10.38 8.61
N ASP A 127 -18.25 11.19 8.53
CA ASP A 127 -17.42 11.28 7.33
C ASP A 127 -16.42 10.14 7.14
N CYS A 128 -15.96 9.56 8.24
CA CYS A 128 -15.06 8.43 8.11
C CYS A 128 -14.81 7.71 9.44
N LEU A 129 -13.64 7.08 9.55
CA LEU A 129 -13.27 6.36 10.76
C LEU A 129 -11.75 6.26 10.87
N LEU A 130 -11.25 6.46 12.08
CA LEU A 130 -9.84 6.33 12.30
C LEU A 130 -9.61 5.38 13.45
N VAL A 131 -8.61 4.53 13.31
CA VAL A 131 -8.23 3.61 14.37
C VAL A 131 -6.73 3.67 14.45
N ALA A 132 -6.20 3.96 15.63
CA ALA A 132 -4.76 4.00 15.74
C ALA A 132 -4.36 2.99 16.77
N VAL A 133 -3.22 2.38 16.56
CA VAL A 133 -2.72 1.39 17.52
C VAL A 133 -1.27 1.68 17.77
N LEU A 134 -0.86 1.77 19.03
CA LEU A 134 0.54 2.01 19.36
C LEU A 134 1.05 0.90 20.25
N THR A 135 2.05 0.17 19.80
CA THR A 135 2.39 -1.02 20.55
C THR A 135 3.65 -1.68 20.08
N ALA A 136 3.89 -2.89 20.57
CA ALA A 136 5.07 -3.62 20.21
C ALA A 136 4.69 -4.66 19.20
N GLY A 137 5.68 -5.08 18.40
CA GLY A 137 5.53 -6.24 17.53
C GLY A 137 6.09 -6.09 16.13
N GLU A 138 5.85 -7.12 15.32
CA GLU A 138 6.28 -7.13 13.93
C GLU A 138 5.17 -6.57 13.03
N LEU A 139 5.46 -6.55 11.72
CA LEU A 139 4.52 -6.18 10.65
C LEU A 139 3.25 -7.02 10.72
N GLY A 140 3.38 -8.28 11.19
CA GLY A 140 2.26 -9.24 11.24
C GLY A 140 1.89 -9.94 12.55
N MET A 141 2.34 -9.42 13.69
CA MET A 141 1.77 -9.76 15.01
C MET A 141 1.84 -8.55 15.95
N LEU A 142 0.68 -8.02 16.35
CA LEU A 142 0.61 -6.88 17.27
C LEU A 142 0.37 -7.34 18.71
N TYR A 143 0.90 -6.59 19.68
CA TYR A 143 0.69 -6.91 21.08
C TYR A 143 -0.38 -6.10 21.80
N ALA A 144 -1.06 -6.77 22.72
CA ALA A 144 -1.98 -6.16 23.69
C ALA A 144 -1.37 -6.43 25.06
N LYS A 145 -2.05 -6.08 26.14
CA LYS A 145 -1.41 -6.19 27.45
C LYS A 145 -1.13 -7.64 27.78
N ASP A 146 -2.04 -8.52 27.36
CA ASP A 146 -1.90 -9.96 27.60
C ASP A 146 -1.09 -10.69 26.52
N THR A 147 -1.54 -10.60 25.27
CA THR A 147 -1.03 -11.45 24.20
C THR A 147 -1.03 -10.74 22.84
N HIS A 148 -0.42 -11.40 21.86
CA HIS A 148 -0.39 -10.88 20.50
C HIS A 148 -1.71 -11.21 19.81
N TYR A 149 -1.94 -10.54 18.69
CA TYR A 149 -3.02 -10.87 17.76
C TYR A 149 -2.64 -10.46 16.34
N LYS A 150 -3.39 -10.94 15.35
CA LYS A 150 -3.16 -10.61 13.96
C LYS A 150 -3.82 -9.29 13.54
N PRO A 151 -3.05 -8.35 12.95
CA PRO A 151 -3.58 -6.98 12.68
C PRO A 151 -4.93 -6.97 11.96
N ASP A 152 -5.19 -7.98 11.14
CA ASP A 152 -6.43 -8.05 10.36
C ASP A 152 -7.69 -8.02 11.21
N ASN A 153 -7.59 -8.49 12.46
CA ASN A 153 -8.71 -8.38 13.38
C ASN A 153 -9.11 -6.95 13.69
N LEU A 154 -8.30 -5.98 13.31
CA LEU A 154 -8.65 -4.57 13.54
C LEU A 154 -9.58 -4.03 12.47
N TRP A 155 -9.40 -4.46 11.23
CA TRP A 155 -10.26 -3.96 10.17
C TRP A 155 -11.31 -4.98 9.79
N TYR A 156 -11.16 -6.16 10.36
CA TYR A 156 -12.08 -7.24 10.00
C TYR A 156 -13.54 -6.82 10.03
N TYR A 157 -13.96 -6.14 11.09
CA TYR A 157 -15.38 -5.93 11.31
C TYR A 157 -15.85 -4.62 10.68
N PHE A 158 -15.08 -4.07 9.75
CA PHE A 158 -15.50 -2.81 9.12
C PHE A 158 -15.94 -2.90 7.65
N THR A 159 -15.84 -4.09 7.08
CA THR A 159 -16.21 -4.29 5.69
C THR A 159 -17.67 -3.95 5.45
N ALA A 160 -18.00 -3.58 4.22
CA ALA A 160 -19.35 -3.10 3.85
C ALA A 160 -20.49 -4.03 4.24
N ASP A 161 -20.29 -5.33 4.01
CA ASP A 161 -21.22 -6.37 4.48
C ASP A 161 -21.42 -6.34 6.01
N LYS A 162 -20.39 -5.93 6.74
CA LYS A 162 -20.50 -5.90 8.17
C LYS A 162 -20.73 -4.50 8.73
N CYS A 163 -20.35 -3.49 7.96
CA CYS A 163 -20.56 -2.14 8.42
C CYS A 163 -21.15 -1.31 7.30
N PRO A 164 -22.40 -1.63 6.90
CA PRO A 164 -23.03 -1.05 5.71
C PRO A 164 -23.20 0.43 5.87
N THR A 165 -23.10 0.91 7.10
CA THR A 165 -23.28 2.33 7.38
C THR A 165 -22.02 3.15 7.10
N LEU A 166 -20.86 2.48 7.05
CA LEU A 166 -19.56 3.08 6.66
C LEU A 166 -19.20 2.80 5.18
N ALA A 167 -20.14 2.20 4.46
CA ALA A 167 -19.95 1.89 3.07
C ALA A 167 -19.53 3.15 2.32
N GLY A 168 -18.42 3.07 1.57
CA GLY A 168 -17.90 4.20 0.80
C GLY A 168 -17.21 5.28 1.61
N LYS A 169 -17.32 5.23 2.93
CA LYS A 169 -16.58 6.15 3.77
C LYS A 169 -15.15 5.60 3.99
N PRO A 170 -14.14 6.49 4.01
CA PRO A 170 -12.81 5.96 4.27
C PRO A 170 -12.72 5.34 5.65
N LYS A 171 -11.94 4.26 5.76
CA LYS A 171 -11.68 3.61 7.05
C LYS A 171 -10.16 3.56 7.24
N LEU A 172 -9.64 4.33 8.18
CA LEU A 172 -8.20 4.57 8.26
C LEU A 172 -7.60 3.86 9.45
N PHE A 173 -6.46 3.22 9.27
CA PHE A 173 -5.80 2.50 10.33
C PHE A 173 -4.33 2.88 10.41
N PHE A 174 -3.97 3.59 11.47
CA PHE A 174 -2.57 3.93 11.73
C PHE A 174 -2.00 3.05 12.82
N ILE A 175 -1.07 2.19 12.45
CA ILE A 175 -0.41 1.29 13.38
C ILE A 175 1.05 1.69 13.51
N GLN A 176 1.48 1.96 14.73
CA GLN A 176 2.90 1.98 15.06
C GLN A 176 3.20 0.82 16.00
N ALA A 177 4.01 -0.11 15.51
CA ALA A 177 4.37 -1.31 16.27
C ALA A 177 5.85 -1.54 16.09
N CYS A 178 6.65 -0.88 16.90
CA CYS A 178 8.09 -0.84 16.73
C CYS A 178 8.74 -2.21 16.83
N GLN A 179 9.66 -2.47 15.90
CA GLN A 179 10.74 -3.48 15.91
C GLN A 179 11.40 -3.34 14.54
N GLY A 180 12.72 -3.14 14.48
CA GLY A 180 13.33 -2.80 13.17
C GLY A 180 14.78 -3.07 12.82
N ASP A 181 15.13 -4.36 12.75
CA ASP A 181 16.47 -4.77 12.36
C ASP A 181 16.41 -5.49 10.99
N ARG A 182 17.03 -4.90 9.96
CA ARG A 182 17.10 -5.54 8.63
C ARG A 182 17.85 -6.88 8.68
N LEU A 183 17.08 -7.94 8.96
CA LEU A 183 17.62 -9.26 9.19
C LEU A 183 16.46 -10.26 9.14
N ASP A 184 16.53 -11.16 8.17
CA ASP A 184 15.65 -12.33 8.11
C ASP A 184 16.46 -13.60 7.78
N GLY A 185 17.80 -13.48 7.85
CA GLY A 185 18.68 -14.62 7.59
C GLY A 185 19.08 -15.34 8.87
N GLY A 186 19.57 -16.58 8.69
CA GLY A 186 20.01 -17.39 9.85
C GLY A 186 20.74 -18.66 9.48
N ILE A 187 21.62 -18.58 8.48
CA ILE A 187 22.41 -19.73 7.99
C ILE A 187 23.71 -19.89 8.78
N SER A 201 4.36 -10.21 6.74
CA SER A 201 3.62 -8.96 6.96
C SER A 201 2.14 -9.27 7.23
N TYR A 202 1.24 -8.31 7.05
CA TYR A 202 -0.17 -8.53 7.41
C TYR A 202 -1.06 -8.97 6.25
N ARG A 203 -2.31 -9.31 6.55
CA ARG A 203 -3.22 -9.70 5.48
C ARG A 203 -3.95 -8.46 4.94
N ILE A 204 -3.54 -7.98 3.77
CA ILE A 204 -4.09 -6.73 3.26
C ILE A 204 -5.53 -6.97 2.82
N PRO A 205 -6.49 -6.19 3.39
CA PRO A 205 -7.89 -6.29 3.00
C PRO A 205 -8.13 -5.65 1.61
N VAL A 206 -8.53 -6.50 0.65
CA VAL A 206 -8.81 -6.06 -0.72
C VAL A 206 -10.26 -5.60 -0.81
N HIS A 207 -10.50 -4.34 -0.46
CA HIS A 207 -11.82 -3.88 -0.17
C HIS A 207 -11.74 -2.38 -0.27
N ALA A 208 -12.52 -1.77 -1.16
CA ALA A 208 -12.38 -0.33 -1.41
C ALA A 208 -12.45 0.47 -0.13
N ASP A 209 -11.66 1.52 -0.05
CA ASP A 209 -11.83 2.54 0.97
C ASP A 209 -11.21 2.21 2.29
N PHE A 210 -10.34 1.21 2.30
CA PHE A 210 -9.47 1.06 3.45
C PHE A 210 -8.20 1.85 3.21
N LEU A 211 -7.59 2.30 4.31
CA LEU A 211 -6.22 2.81 4.24
C LEU A 211 -5.48 2.30 5.44
N ILE A 212 -4.29 1.78 5.21
CA ILE A 212 -3.42 1.36 6.30
C ILE A 212 -2.03 1.98 6.20
N ALA A 213 -1.68 2.81 7.20
CA ALA A 213 -0.30 3.26 7.39
C ALA A 213 0.35 2.50 8.55
N PHE A 214 1.30 1.64 8.26
CA PHE A 214 1.91 0.80 9.28
C PHE A 214 3.37 1.21 9.52
N SER A 215 3.85 1.24 10.78
CA SER A 215 5.24 1.69 10.99
C SER A 215 6.43 0.78 11.35
N THR A 216 6.65 0.43 12.59
CA THR A 216 7.91 -0.33 12.90
C THR A 216 9.27 0.35 12.74
N VAL A 217 9.34 1.62 12.35
CA VAL A 217 10.64 2.34 12.46
C VAL A 217 10.96 2.71 13.93
N PRO A 218 12.01 2.13 14.53
CA PRO A 218 12.32 2.32 15.94
C PRO A 218 13.03 3.61 16.33
N GLY A 219 13.12 4.56 15.42
CA GLY A 219 13.60 5.89 15.79
C GLY A 219 12.62 6.72 16.62
N TYR A 220 13.16 7.41 17.63
CA TYR A 220 12.43 8.30 18.51
C TYR A 220 13.12 9.65 18.73
N PHE A 221 12.40 10.57 19.35
CA PHE A 221 13.03 11.69 20.05
C PHE A 221 13.14 11.28 21.51
N SER A 222 14.24 11.59 22.16
CA SER A 222 14.31 11.35 23.59
C SER A 222 14.74 12.60 24.36
N TRP A 223 14.09 12.83 25.50
CA TRP A 223 14.32 14.04 26.24
C TRP A 223 15.65 13.94 26.95
N ARG A 224 15.71 13.35 28.13
CA ARG A 224 16.99 13.36 28.84
C ARG A 224 17.67 12.03 28.54
N ASN A 225 17.49 11.06 29.44
CA ASN A 225 17.82 9.65 29.15
C ASN A 225 16.56 8.84 28.74
N THR A 226 15.39 9.25 29.23
CA THR A 226 14.15 8.52 28.90
C THR A 226 13.70 8.93 27.53
N THR A 227 12.90 8.09 26.89
CA THR A 227 12.45 8.35 25.52
C THR A 227 10.98 8.71 25.48
N ARG A 228 10.56 9.36 24.37
CA ARG A 228 9.25 10.00 24.32
C ARG A 228 8.82 10.57 22.98
N GLY A 229 8.03 9.81 22.23
CA GLY A 229 7.52 10.33 20.96
C GLY A 229 8.42 9.93 19.82
N SER A 230 7.86 9.26 18.83
CA SER A 230 8.63 8.65 17.79
C SER A 230 8.61 9.50 16.52
N TRP A 231 9.60 9.30 15.66
CA TRP A 231 9.68 10.05 14.44
C TRP A 231 8.36 9.95 13.70
N PHE A 232 7.87 8.73 13.51
CA PHE A 232 6.69 8.47 12.73
C PHE A 232 5.47 9.22 13.19
N MET A 233 5.06 8.94 14.42
CA MET A 233 3.96 9.67 15.07
C MET A 233 4.11 11.15 15.11
N GLN A 234 5.32 11.69 15.26
CA GLN A 234 5.46 13.15 15.26
C GLN A 234 5.29 13.74 13.89
N ALA A 235 5.95 13.13 12.91
CA ALA A 235 5.82 13.55 11.54
C ALA A 235 4.35 13.64 11.17
N LEU A 236 3.56 12.62 11.54
CA LEU A 236 2.15 12.53 11.21
C LEU A 236 1.23 13.54 11.91
N CYS A 237 1.59 14.00 13.09
CA CYS A 237 0.83 15.07 13.68
C CYS A 237 1.17 16.38 12.98
N GLU A 238 2.45 16.78 12.99
CA GLU A 238 2.87 17.98 12.25
C GLU A 238 2.20 18.07 10.90
N GLU A 239 2.23 16.97 10.15
CA GLU A 239 1.62 16.99 8.83
C GLU A 239 0.13 17.18 8.91
N LEU A 240 -0.58 16.32 9.65
CA LEU A 240 -2.01 16.51 9.86
C LEU A 240 -2.37 17.89 10.43
N ARG A 241 -1.44 18.56 11.09
CA ARG A 241 -1.78 19.82 11.75
C ARG A 241 -1.57 20.94 10.78
N TYR A 242 -0.29 21.26 10.56
CA TYR A 242 0.12 22.32 9.68
C TYR A 242 -0.11 21.99 8.19
N ALA A 243 -1.18 21.27 7.88
CA ALA A 243 -1.46 20.88 6.49
C ALA A 243 -2.82 20.25 6.19
N GLY A 244 -3.35 19.48 7.13
CA GLY A 244 -4.48 18.56 6.86
C GLY A 244 -5.75 19.05 6.15
N THR A 245 -5.85 20.35 5.86
CA THR A 245 -7.05 20.90 5.22
C THR A 245 -6.87 21.40 3.75
N GLU A 246 -5.64 21.36 3.25
CA GLU A 246 -5.36 21.72 1.85
C GLU A 246 -4.76 20.58 1.02
N ARG A 247 -4.44 19.46 1.67
CA ARG A 247 -3.86 18.30 0.98
C ARG A 247 -4.66 16.99 1.14
N ASP A 248 -4.57 16.12 0.12
CA ASP A 248 -5.07 14.76 0.21
C ASP A 248 -4.24 13.93 1.20
N ILE A 249 -4.84 12.88 1.75
CA ILE A 249 -4.15 12.07 2.76
C ILE A 249 -2.90 11.35 2.23
N LEU A 250 -2.88 10.98 0.96
CA LEU A 250 -1.76 10.20 0.46
C LEU A 250 -0.52 11.04 0.18
N THR A 251 -0.73 12.27 -0.28
CA THR A 251 0.35 13.23 -0.33
C THR A 251 0.92 13.49 1.06
N LEU A 252 0.03 13.72 2.01
CA LEU A 252 0.42 13.95 3.39
C LEU A 252 1.33 12.81 3.86
N LEU A 253 0.85 11.58 3.67
CA LEU A 253 1.51 10.46 4.23
C LEU A 253 2.81 10.29 3.47
N THR A 254 2.84 10.69 2.21
CA THR A 254 4.11 10.68 1.51
C THR A 254 5.11 11.47 2.30
N PHE A 255 4.72 12.66 2.71
CA PHE A 255 5.63 13.58 3.36
C PHE A 255 6.03 13.07 4.73
N VAL A 256 5.10 12.42 5.43
CA VAL A 256 5.48 11.74 6.67
C VAL A 256 6.64 10.78 6.41
N CYS A 257 6.52 9.95 5.38
CA CYS A 257 7.62 9.05 5.04
C CYS A 257 8.92 9.79 4.94
N GLN A 258 8.94 10.85 4.12
CA GLN A 258 10.12 11.67 3.91
C GLN A 258 10.74 12.11 5.22
N LYS A 259 9.90 12.62 6.11
CA LYS A 259 10.37 13.02 7.42
C LYS A 259 11.04 11.85 8.13
N VAL A 260 10.40 10.68 8.20
CA VAL A 260 11.00 9.50 8.86
C VAL A 260 12.29 9.20 8.10
N ALA A 261 12.16 9.12 6.78
CA ALA A 261 13.23 8.66 5.91
C ALA A 261 14.46 9.49 6.18
N LEU A 262 14.26 10.78 6.46
CA LEU A 262 15.34 11.72 6.63
C LEU A 262 15.99 11.68 8.00
N ASP A 263 15.26 11.24 9.01
CA ASP A 263 15.85 11.08 10.34
C ASP A 263 16.69 9.82 10.46
N PHE A 264 16.43 8.88 9.55
CA PHE A 264 17.28 7.74 9.27
C PHE A 264 18.58 8.28 8.61
N GLU A 265 19.64 8.28 9.41
CA GLU A 265 20.88 9.10 9.25
C GLU A 265 21.17 9.69 10.66
N SER A 266 20.24 9.41 11.55
CA SER A 266 20.45 9.41 12.95
C SER A 266 20.26 7.93 13.33
N ASN A 267 20.63 7.03 12.42
CA ASN A 267 20.26 5.62 12.52
C ASN A 267 21.45 4.70 12.60
N ALA A 268 21.29 3.64 13.38
CA ALA A 268 22.43 2.87 13.90
C ALA A 268 23.68 2.75 13.04
N PRO A 269 23.56 2.24 11.79
CA PRO A 269 24.78 1.88 11.06
C PRO A 269 25.66 3.08 10.63
N ASP A 270 26.89 2.80 10.21
CA ASP A 270 27.82 3.83 9.70
C ASP A 270 29.09 3.22 9.06
N SER A 271 30.03 4.08 8.69
CA SER A 271 31.35 3.69 8.15
C SER A 271 31.28 2.64 7.02
N ALA A 272 30.11 2.54 6.36
CA ALA A 272 29.83 1.59 5.27
C ALA A 272 29.30 0.21 5.71
N MET A 273 28.14 0.19 6.37
CA MET A 273 27.52 -1.05 6.86
C MET A 273 26.47 -1.64 5.92
N MET A 274 26.61 -2.95 5.62
CA MET A 274 25.76 -3.69 4.66
C MET A 274 24.24 -3.48 4.80
N HIS A 275 23.63 -3.15 3.66
CA HIS A 275 22.31 -2.49 3.51
C HIS A 275 22.60 -1.02 3.17
N GLN A 276 21.57 -0.26 2.81
CA GLN A 276 21.68 1.21 2.70
C GLN A 276 20.34 1.93 2.92
N GLN A 277 19.55 2.04 1.84
CA GLN A 277 18.42 2.99 1.76
C GLN A 277 17.38 2.93 2.90
N LYS A 278 17.17 4.10 3.48
CA LYS A 278 16.25 4.31 4.57
C LYS A 278 14.99 3.44 4.64
N GLN A 279 14.56 3.31 5.90
CA GLN A 279 13.48 2.47 6.37
C GLN A 279 12.38 3.48 6.70
N VAL A 280 11.18 3.22 6.23
CA VAL A 280 10.12 4.20 6.26
C VAL A 280 8.88 3.49 6.69
N PRO A 281 7.77 4.21 6.86
CA PRO A 281 6.49 3.53 7.02
C PRO A 281 5.93 2.90 5.71
N CYS A 282 4.93 2.04 5.84
CA CYS A 282 4.34 1.43 4.68
C CYS A 282 2.97 1.96 4.51
N ILE A 283 2.77 2.70 3.45
CA ILE A 283 1.43 3.16 3.16
C ILE A 283 0.76 2.17 2.20
N THR A 284 -0.32 1.54 2.65
CA THR A 284 -1.08 0.65 1.80
C THR A 284 -2.39 1.32 1.65
N SER A 285 -2.84 1.53 0.42
CA SER A 285 -4.06 2.30 0.23
C SER A 285 -5.06 1.65 -0.71
N MET A 286 -6.25 1.31 -0.21
CA MET A 286 -7.32 0.92 -1.14
C MET A 286 -8.32 2.02 -1.45
N LEU A 287 -7.95 3.27 -1.16
CA LEU A 287 -8.87 4.38 -1.35
C LEU A 287 -9.21 4.45 -2.80
N THR A 288 -10.41 4.96 -3.09
CA THR A 288 -10.90 5.14 -4.46
C THR A 288 -11.09 6.62 -4.79
N ARG A 289 -10.88 7.47 -3.80
CA ARG A 289 -11.02 8.90 -3.97
C ARG A 289 -9.92 9.68 -3.29
N LEU A 290 -9.72 10.93 -3.67
CA LEU A 290 -8.84 11.79 -2.90
C LEU A 290 -9.49 12.14 -1.55
N LEU A 291 -8.73 12.01 -0.45
CA LEU A 291 -9.27 12.27 0.89
C LEU A 291 -8.71 13.57 1.47
N VAL A 292 -9.52 14.61 1.49
CA VAL A 292 -9.06 15.87 2.07
C VAL A 292 -9.89 16.22 3.27
N PHE A 293 -9.26 16.37 4.44
CA PHE A 293 -10.01 16.62 5.66
C PHE A 293 -10.77 17.94 5.61
N ARG B 40 1.07 27.28 -8.69
CA ARG B 40 1.07 28.20 -9.87
C ARG B 40 2.11 27.83 -10.94
N VAL B 41 3.28 27.34 -10.49
CA VAL B 41 4.38 26.99 -11.43
C VAL B 41 5.02 25.60 -11.17
N ALA B 42 6.02 25.27 -11.98
CA ALA B 42 6.92 24.13 -11.78
C ALA B 42 8.37 24.62 -11.78
N ARG B 43 9.17 24.11 -10.84
CA ARG B 43 10.55 24.57 -10.64
C ARG B 43 11.63 23.48 -10.85
N MET B 44 12.90 23.84 -10.60
CA MET B 44 14.04 22.92 -10.79
C MET B 44 14.68 22.35 -9.48
N PRO B 45 15.88 22.84 -9.08
CA PRO B 45 16.58 22.22 -7.93
C PRO B 45 16.56 23.03 -6.61
N VAL B 46 16.87 22.37 -5.49
CA VAL B 46 17.31 23.04 -4.23
C VAL B 46 17.40 22.20 -2.93
N ASP B 47 16.70 21.05 -2.87
CA ASP B 47 16.57 20.35 -1.57
C ASP B 47 16.93 18.83 -1.47
N ARG B 48 17.46 18.46 -0.30
CA ARG B 48 17.46 17.07 0.20
C ARG B 48 16.02 16.68 0.56
N ASN B 49 15.25 17.74 0.86
CA ASN B 49 13.88 17.71 1.31
C ASN B 49 12.96 18.30 0.25
N ALA B 50 13.32 18.05 -1.01
CA ALA B 50 12.55 18.53 -2.15
C ALA B 50 11.31 17.66 -2.37
N PRO B 51 10.19 18.29 -2.79
CA PRO B 51 8.88 17.65 -2.82
C PRO B 51 8.72 16.58 -3.91
N TYR B 52 9.54 16.66 -4.96
CA TYR B 52 9.33 15.86 -6.15
C TYR B 52 10.57 15.09 -6.53
N TYR B 53 10.36 14.00 -7.26
CA TYR B 53 11.46 13.25 -7.78
C TYR B 53 12.01 13.96 -8.97
N ASN B 54 13.35 14.00 -9.03
CA ASN B 54 14.06 14.42 -10.22
C ASN B 54 13.69 13.49 -11.38
N MET B 55 12.79 13.96 -12.26
CA MET B 55 12.26 13.11 -13.32
C MET B 55 12.64 13.62 -14.69
N ASN B 56 13.82 14.22 -14.78
CA ASN B 56 14.47 14.34 -16.09
C ASN B 56 15.96 14.10 -16.02
N HIS B 57 16.35 12.85 -16.22
CA HIS B 57 17.73 12.52 -16.46
C HIS B 57 17.78 12.26 -17.94
N LYS B 58 18.94 11.87 -18.45
CA LYS B 58 19.05 11.51 -19.86
C LYS B 58 17.90 10.55 -20.29
N HIS B 59 17.63 9.50 -19.51
CA HIS B 59 16.58 8.56 -19.87
C HIS B 59 15.54 8.44 -18.77
N ARG B 60 14.36 7.94 -19.14
CA ARG B 60 13.31 7.62 -18.18
C ARG B 60 13.67 6.39 -17.37
N GLY B 61 14.22 5.40 -18.04
CA GLY B 61 14.47 4.12 -17.40
C GLY B 61 14.07 2.93 -18.25
N MET B 62 13.86 1.80 -17.56
CA MET B 62 13.54 0.56 -18.22
C MET B 62 12.24 0.06 -17.67
N ALA B 63 11.35 -0.36 -18.56
CA ALA B 63 10.18 -1.08 -18.13
C ALA B 63 10.36 -2.47 -18.67
N ILE B 64 10.18 -3.45 -17.79
CA ILE B 64 10.25 -4.83 -18.24
C ILE B 64 9.02 -5.58 -17.84
N ILE B 65 8.28 -6.01 -18.84
CA ILE B 65 7.01 -6.66 -18.63
C ILE B 65 7.13 -8.18 -18.69
N PHE B 66 6.64 -8.88 -17.69
CA PHE B 66 6.60 -10.35 -17.77
C PHE B 66 5.19 -10.84 -17.93
N ASN B 67 4.91 -11.47 -19.06
CA ASN B 67 3.54 -11.74 -19.43
C ASN B 67 3.30 -13.23 -19.57
N HIS B 68 2.32 -13.77 -18.84
CA HIS B 68 2.04 -15.20 -18.98
C HIS B 68 0.60 -15.51 -19.41
N GLU B 69 0.46 -16.36 -20.42
CA GLU B 69 -0.84 -16.70 -20.97
C GLU B 69 -1.11 -18.20 -20.83
N HIS B 70 -0.04 -18.99 -20.89
CA HIS B 70 -0.14 -20.46 -20.87
C HIS B 70 0.66 -20.96 -19.68
N PHE B 71 0.44 -22.20 -19.24
CA PHE B 71 1.15 -22.73 -18.07
C PHE B 71 1.45 -24.20 -18.17
N ASP B 72 2.74 -24.54 -18.10
CA ASP B 72 3.18 -25.94 -18.13
C ASP B 72 2.98 -26.60 -16.77
N ILE B 73 1.77 -26.39 -16.24
CA ILE B 73 1.31 -26.95 -14.98
C ILE B 73 -0.09 -27.46 -15.25
N HIS B 74 -0.30 -28.74 -14.98
CA HIS B 74 -1.62 -29.34 -14.95
C HIS B 74 -2.57 -28.50 -14.05
N SER B 75 -3.87 -28.52 -14.38
CA SER B 75 -4.92 -27.76 -13.67
C SER B 75 -5.04 -26.28 -14.05
N LEU B 76 -3.90 -25.62 -14.26
CA LEU B 76 -3.87 -24.18 -14.40
C LEU B 76 -4.34 -23.71 -15.76
N LYS B 77 -5.51 -23.09 -15.77
CA LYS B 77 -6.14 -22.57 -16.99
C LYS B 77 -5.37 -21.42 -17.67
N SER B 78 -5.39 -21.45 -19.00
CA SER B 78 -4.88 -20.39 -19.86
C SER B 78 -5.45 -19.00 -19.53
N ARG B 79 -4.55 -18.03 -19.39
CA ARG B 79 -4.89 -16.65 -19.10
C ARG B 79 -5.11 -15.87 -20.38
N THR B 80 -6.01 -16.37 -21.24
CA THR B 80 -6.30 -15.74 -22.54
C THR B 80 -6.54 -14.21 -22.45
N GLY B 81 -6.01 -13.49 -23.43
CA GLY B 81 -6.19 -12.04 -23.48
C GLY B 81 -5.30 -11.29 -22.51
N THR B 82 -4.32 -11.98 -21.92
CA THR B 82 -3.26 -11.30 -21.18
C THR B 82 -2.37 -10.52 -22.16
N ASN B 83 -2.41 -10.94 -23.42
CA ASN B 83 -1.71 -10.27 -24.49
C ASN B 83 -2.24 -8.88 -24.81
N VAL B 84 -3.53 -8.66 -24.59
CA VAL B 84 -4.11 -7.33 -24.71
C VAL B 84 -3.39 -6.41 -23.72
N ASP B 85 -3.57 -6.67 -22.43
CA ASP B 85 -2.93 -5.91 -21.35
C ASP B 85 -1.46 -5.59 -21.64
N SER B 86 -0.68 -6.65 -21.77
CA SER B 86 0.72 -6.55 -22.11
C SER B 86 1.02 -5.50 -23.21
N ASP B 87 0.39 -5.68 -24.37
CA ASP B 87 0.68 -4.84 -25.54
C ASP B 87 0.17 -3.42 -25.42
N ASN B 88 -0.82 -3.23 -24.55
CA ASN B 88 -1.33 -1.91 -24.26
C ASN B 88 -0.49 -1.24 -23.18
N LEU B 89 -0.10 -1.98 -22.16
CA LEU B 89 0.81 -1.39 -21.19
C LEU B 89 2.01 -0.86 -21.96
N SER B 90 2.69 -1.78 -22.63
CA SER B 90 3.90 -1.50 -23.39
C SER B 90 3.78 -0.28 -24.30
N LYS B 91 2.61 -0.06 -24.87
CA LYS B 91 2.35 1.07 -25.77
C LYS B 91 2.56 2.36 -24.99
N VAL B 92 1.85 2.51 -23.88
CA VAL B 92 1.93 3.74 -23.13
C VAL B 92 3.31 4.01 -22.47
N LEU B 93 3.98 2.98 -21.98
CA LEU B 93 5.27 3.21 -21.33
C LEU B 93 6.30 3.67 -22.36
N LYS B 94 6.05 3.38 -23.62
CA LYS B 94 6.92 3.93 -24.63
C LYS B 94 6.64 5.43 -24.78
N THR B 95 5.37 5.83 -24.65
CA THR B 95 5.03 7.23 -24.87
C THR B 95 5.46 8.02 -23.66
N LEU B 96 5.48 7.36 -22.50
CA LEU B 96 6.06 7.96 -21.32
C LEU B 96 7.57 7.94 -21.43
N GLY B 97 8.10 7.22 -22.41
CA GLY B 97 9.51 7.29 -22.73
C GLY B 97 10.37 6.25 -22.05
N PHE B 98 9.79 5.13 -21.66
CA PHE B 98 10.59 4.00 -21.20
C PHE B 98 11.17 3.22 -22.38
N LYS B 99 12.29 2.54 -22.16
CA LYS B 99 12.79 1.54 -23.13
C LYS B 99 12.23 0.13 -22.80
N VAL B 100 10.97 -0.09 -23.21
CA VAL B 100 10.17 -1.26 -22.85
C VAL B 100 10.75 -2.56 -23.39
N THR B 101 10.64 -3.61 -22.59
CA THR B 101 11.03 -4.93 -23.04
C THR B 101 9.97 -5.88 -22.54
N VAL B 102 9.60 -6.86 -23.36
CA VAL B 102 8.48 -7.73 -23.05
C VAL B 102 8.97 -9.18 -23.12
N PHE B 103 8.63 -9.98 -22.12
CA PHE B 103 9.16 -11.36 -22.00
C PHE B 103 8.03 -12.39 -21.90
N PRO B 104 7.62 -12.99 -23.02
CA PRO B 104 6.47 -13.87 -23.02
C PRO B 104 6.72 -15.20 -22.31
N ASN B 105 5.73 -15.67 -21.56
CA ASN B 105 5.74 -17.03 -20.98
C ASN B 105 7.12 -17.59 -20.59
N LEU B 106 7.91 -16.83 -19.82
CA LEU B 106 9.22 -17.30 -19.42
C LEU B 106 9.14 -18.27 -18.27
N LYS B 107 10.19 -19.09 -18.11
CA LYS B 107 10.38 -19.97 -16.94
C LYS B 107 10.86 -19.12 -15.77
N SER B 108 10.67 -19.62 -14.56
CA SER B 108 11.03 -18.91 -13.33
C SER B 108 12.51 -18.56 -13.25
N GLU B 109 13.35 -19.54 -13.57
CA GLU B 109 14.79 -19.33 -13.62
C GLU B 109 15.19 -18.19 -14.58
N GLU B 110 14.44 -18.08 -15.68
CA GLU B 110 14.72 -17.11 -16.74
C GLU B 110 14.24 -15.74 -16.33
N ILE B 111 13.13 -15.68 -15.60
CA ILE B 111 12.67 -14.40 -15.08
C ILE B 111 13.72 -13.86 -14.15
N ASN B 112 14.16 -14.70 -13.21
CA ASN B 112 15.23 -14.33 -12.30
C ASN B 112 16.55 -13.98 -13.01
N LYS B 113 16.81 -14.57 -14.17
CA LYS B 113 18.03 -14.23 -14.88
C LYS B 113 17.96 -12.80 -15.37
N PHE B 114 16.81 -12.39 -15.94
CA PHE B 114 16.68 -11.05 -16.52
C PHE B 114 16.48 -9.99 -15.48
N ILE B 115 15.73 -10.33 -14.42
CA ILE B 115 15.55 -9.40 -13.30
C ILE B 115 16.88 -8.99 -12.75
N GLN B 116 17.74 -9.96 -12.52
CA GLN B 116 19.04 -9.70 -11.93
C GLN B 116 19.88 -8.93 -12.93
N GLN B 117 19.91 -9.42 -14.15
CA GLN B 117 20.67 -8.79 -15.23
C GLN B 117 20.22 -7.34 -15.46
N THR B 118 18.99 -7.02 -15.08
CA THR B 118 18.50 -5.65 -15.10
C THR B 118 19.05 -4.85 -13.93
N ALA B 119 19.05 -5.45 -12.73
CA ALA B 119 19.49 -4.78 -11.50
C ALA B 119 20.97 -4.39 -11.55
N GLU B 120 21.72 -5.12 -12.39
CA GLU B 120 23.13 -4.90 -12.61
C GLU B 120 23.39 -3.99 -13.82
N MET B 121 22.60 -2.93 -13.97
CA MET B 121 22.83 -1.99 -15.06
C MET B 121 23.13 -0.59 -14.53
N ASP B 122 23.66 0.28 -15.38
CA ASP B 122 23.96 1.66 -15.00
C ASP B 122 22.72 2.57 -15.15
N HIS B 123 21.90 2.61 -14.09
CA HIS B 123 20.64 3.37 -14.06
C HIS B 123 20.83 4.84 -13.70
N SER B 124 22.10 5.24 -13.57
CA SER B 124 22.50 6.59 -13.24
C SER B 124 21.98 7.59 -14.27
N ASP B 125 21.72 7.10 -15.47
CA ASP B 125 21.13 7.93 -16.51
C ASP B 125 19.61 7.89 -16.48
N ALA B 126 19.04 6.93 -15.74
CA ALA B 126 17.61 6.68 -15.75
C ALA B 126 16.88 7.47 -14.67
N ASP B 127 15.63 7.87 -14.94
CA ASP B 127 14.77 8.49 -13.92
C ASP B 127 14.22 7.48 -12.90
N CYS B 128 13.89 6.27 -13.35
CA CYS B 128 13.30 5.27 -12.46
C CYS B 128 13.44 3.84 -13.00
N LEU B 129 12.50 2.98 -12.61
CA LEU B 129 12.54 1.57 -12.95
C LEU B 129 11.15 1.01 -12.82
N LEU B 130 10.63 0.39 -13.88
CA LEU B 130 9.31 -0.25 -13.80
C LEU B 130 9.40 -1.75 -14.01
N VAL B 131 8.72 -2.52 -13.17
CA VAL B 131 8.49 -3.94 -13.48
C VAL B 131 7.01 -4.27 -13.54
N ALA B 132 6.57 -4.81 -14.66
CA ALA B 132 5.20 -5.27 -14.74
C ALA B 132 5.29 -6.74 -14.77
N VAL B 133 4.34 -7.41 -14.11
CA VAL B 133 4.22 -8.86 -14.13
C VAL B 133 2.73 -9.22 -14.26
N LEU B 134 2.35 -9.77 -15.41
CA LEU B 134 0.96 -10.15 -15.64
C LEU B 134 0.87 -11.66 -15.74
N THR B 135 0.38 -12.27 -14.68
CA THR B 135 0.34 -13.70 -14.59
C THR B 135 -0.88 -14.12 -13.78
N ALA B 136 -1.06 -15.42 -13.56
CA ALA B 136 -2.04 -15.87 -12.58
C ALA B 136 -1.35 -16.04 -11.23
N GLY B 137 -2.14 -16.37 -10.21
CA GLY B 137 -1.61 -16.61 -8.88
C GLY B 137 -2.21 -15.74 -7.80
N GLU B 138 -1.70 -15.86 -6.58
CA GLU B 138 -2.26 -15.12 -5.44
C GLU B 138 -1.46 -13.87 -5.10
N LEU B 139 -1.95 -13.18 -4.05
CA LEU B 139 -1.31 -11.99 -3.50
C LEU B 139 0.14 -12.23 -3.03
N GLY B 140 0.44 -13.45 -2.58
CA GLY B 140 1.79 -13.82 -2.17
C GLY B 140 2.40 -15.07 -2.80
N MET B 141 1.90 -15.48 -3.98
CA MET B 141 2.58 -16.45 -4.86
C MET B 141 2.25 -16.12 -6.31
N LEU B 142 3.28 -16.02 -7.15
CA LEU B 142 3.09 -15.79 -8.59
C LEU B 142 3.52 -17.01 -9.43
N TYR B 143 2.98 -17.14 -10.63
CA TYR B 143 3.34 -18.25 -11.50
C TYR B 143 4.17 -17.84 -12.72
N ALA B 144 5.14 -18.69 -13.05
CA ALA B 144 5.95 -18.52 -14.25
C ALA B 144 5.44 -19.65 -15.12
N LYS B 145 6.07 -19.96 -16.25
CA LYS B 145 5.56 -21.05 -17.06
C LYS B 145 5.67 -22.32 -16.23
N ASP B 146 6.82 -22.49 -15.57
CA ASP B 146 7.17 -23.76 -14.92
C ASP B 146 6.61 -23.94 -13.51
N THR B 147 6.91 -23.00 -12.63
CA THR B 147 6.66 -23.17 -11.20
C THR B 147 6.26 -21.81 -10.57
N HIS B 148 5.80 -21.82 -9.33
CA HIS B 148 5.47 -20.56 -8.66
C HIS B 148 6.69 -19.95 -7.96
N TYR B 149 6.62 -18.66 -7.64
CA TYR B 149 7.68 -17.99 -6.90
C TYR B 149 7.10 -16.81 -6.12
N LYS B 150 7.84 -16.35 -5.13
CA LYS B 150 7.42 -15.28 -4.24
C LYS B 150 7.74 -13.89 -4.81
N PRO B 151 6.77 -12.95 -4.73
CA PRO B 151 6.89 -11.64 -5.33
C PRO B 151 8.12 -10.88 -4.88
N ASP B 152 8.53 -11.04 -3.63
CA ASP B 152 9.73 -10.38 -3.15
C ASP B 152 11.03 -10.81 -3.83
N ASN B 153 10.98 -11.88 -4.62
CA ASN B 153 12.13 -12.19 -5.49
C ASN B 153 12.20 -11.18 -6.61
N LEU B 154 11.09 -10.48 -6.85
CA LEU B 154 11.06 -9.50 -7.90
C LEU B 154 11.81 -8.22 -7.53
N TRP B 155 11.67 -7.73 -6.30
CA TRP B 155 12.31 -6.46 -5.93
C TRP B 155 13.56 -6.65 -5.09
N TYR B 156 13.86 -7.88 -4.70
CA TYR B 156 15.01 -8.17 -3.86
C TYR B 156 16.27 -7.55 -4.42
N TYR B 157 16.70 -8.02 -5.61
CA TYR B 157 17.96 -7.58 -6.23
C TYR B 157 18.08 -6.08 -6.46
N PHE B 158 16.97 -5.35 -6.34
CA PHE B 158 16.95 -3.92 -6.61
C PHE B 158 17.16 -2.90 -5.46
N THR B 159 17.33 -3.33 -4.21
CA THR B 159 17.49 -2.39 -3.09
C THR B 159 18.86 -1.67 -3.12
N ALA B 160 18.93 -0.52 -2.43
CA ALA B 160 20.10 0.37 -2.50
C ALA B 160 21.50 -0.28 -2.51
N ASP B 161 21.80 -1.04 -1.46
CA ASP B 161 23.03 -1.82 -1.35
C ASP B 161 23.36 -2.62 -2.62
N LYS B 162 22.32 -3.13 -3.29
CA LYS B 162 22.47 -3.97 -4.50
C LYS B 162 22.24 -3.19 -5.81
N CYS B 163 21.74 -1.98 -5.71
CA CYS B 163 21.58 -1.16 -6.90
C CYS B 163 21.77 0.29 -6.53
N PRO B 164 23.01 0.68 -6.16
CA PRO B 164 23.33 2.02 -5.67
C PRO B 164 23.02 3.06 -6.72
N THR B 165 22.90 2.61 -7.96
CA THR B 165 22.63 3.49 -9.06
C THR B 165 21.12 3.77 -9.20
N LEU B 166 20.28 2.99 -8.52
CA LEU B 166 18.84 3.31 -8.43
C LEU B 166 18.47 3.95 -7.08
N ALA B 167 19.43 3.93 -6.16
CA ALA B 167 19.21 4.46 -4.82
C ALA B 167 18.74 5.89 -4.92
N GLY B 168 17.65 6.20 -4.22
CA GLY B 168 17.01 7.48 -4.35
C GLY B 168 15.92 7.43 -5.40
N LYS B 169 16.08 6.60 -6.43
CA LYS B 169 15.14 6.64 -7.54
C LYS B 169 13.96 5.71 -7.31
N PRO B 170 12.78 6.08 -7.81
CA PRO B 170 11.57 5.27 -7.65
C PRO B 170 11.60 3.96 -8.40
N LYS B 171 11.30 2.85 -7.71
CA LYS B 171 11.23 1.57 -8.39
C LYS B 171 9.81 1.09 -8.30
N LEU B 172 9.12 1.03 -9.42
CA LEU B 172 7.73 0.69 -9.45
C LEU B 172 7.53 -0.75 -9.93
N PHE B 173 6.59 -1.45 -9.29
CA PHE B 173 6.21 -2.81 -9.69
C PHE B 173 4.71 -2.87 -9.77
N PHE B 174 4.18 -3.01 -10.98
CA PHE B 174 2.77 -3.32 -11.09
C PHE B 174 2.65 -4.79 -11.36
N ILE B 175 1.71 -5.43 -10.67
CA ILE B 175 1.59 -6.87 -10.71
C ILE B 175 0.15 -7.20 -10.88
N GLN B 176 -0.19 -7.95 -11.92
CA GLN B 176 -1.52 -8.47 -11.99
C GLN B 176 -1.53 -9.99 -11.83
N ALA B 177 -2.18 -10.46 -10.77
CA ALA B 177 -2.16 -11.89 -10.43
C ALA B 177 -3.57 -12.42 -10.16
N CYS B 178 -4.29 -12.65 -11.24
CA CYS B 178 -5.74 -12.92 -11.17
C CYS B 178 -6.19 -14.20 -10.49
N GLN B 179 -7.11 -13.99 -9.54
CA GLN B 179 -7.86 -14.96 -8.69
C GLN B 179 -8.62 -14.05 -7.71
N GLY B 180 -9.93 -14.25 -7.50
CA GLY B 180 -10.65 -13.31 -6.61
C GLY B 180 -11.88 -13.78 -5.84
N ASP B 181 -11.66 -14.35 -4.67
CA ASP B 181 -12.77 -14.82 -3.85
C ASP B 181 -12.64 -14.46 -2.37
N ARG B 182 -13.57 -13.62 -1.91
CA ARG B 182 -13.78 -13.37 -0.49
C ARG B 182 -15.11 -14.01 -0.11
N LEU B 183 -15.04 -15.01 0.77
CA LEU B 183 -16.09 -15.99 0.99
C LEU B 183 -17.44 -15.47 1.51
N ASP B 184 -18.30 -16.41 1.93
CA ASP B 184 -19.68 -16.17 2.40
C ASP B 184 -20.65 -15.79 1.28
N GLY B 185 -21.89 -16.27 1.38
CA GLY B 185 -22.92 -15.99 0.38
C GLY B 185 -23.77 -17.18 -0.08
N GLY B 186 -23.14 -18.35 -0.24
CA GLY B 186 -23.79 -19.52 -0.86
C GLY B 186 -24.07 -20.71 0.05
N ILE B 187 -23.05 -21.14 0.80
CA ILE B 187 -23.14 -22.24 1.80
C ILE B 187 -23.27 -23.68 1.19
N THR B 188 -22.66 -23.87 0.02
CA THR B 188 -22.51 -25.18 -0.63
C THR B 188 -21.35 -25.10 -1.66
N LEU B 189 -21.00 -26.23 -2.29
CA LEU B 189 -19.92 -26.33 -3.30
C LEU B 189 -18.54 -25.96 -2.75
N SER B 190 -18.22 -26.46 -1.56
CA SER B 190 -16.95 -26.13 -0.87
C SER B 190 -16.49 -27.23 0.10
N ARG B 191 -15.48 -26.88 0.92
CA ARG B 191 -14.81 -27.85 1.81
C ARG B 191 -14.68 -27.39 3.29
N THR B 192 -14.18 -26.16 3.49
CA THR B 192 -13.82 -25.58 4.80
C THR B 192 -14.92 -25.58 5.87
N GLU B 193 -14.54 -25.83 7.13
CA GLU B 193 -15.46 -25.71 8.28
C GLU B 193 -14.90 -24.86 9.43
N THR B 194 -13.74 -25.25 9.96
CA THR B 194 -13.09 -24.52 11.04
C THR B 194 -12.09 -23.51 10.46
N ASP B 195 -11.98 -22.34 11.10
CA ASP B 195 -11.31 -21.16 10.51
C ASP B 195 -9.78 -21.23 10.42
N GLY B 196 -9.18 -20.15 9.91
CA GLY B 196 -7.72 -20.02 9.80
C GLY B 196 -7.24 -19.86 8.38
N SER B 197 -7.16 -18.61 7.91
CA SER B 197 -6.71 -18.30 6.53
C SER B 197 -5.56 -17.26 6.42
N PRO B 198 -4.45 -17.47 7.16
CA PRO B 198 -3.31 -16.52 7.07
C PRO B 198 -2.63 -16.50 5.68
N SER B 199 -1.42 -15.94 5.62
CA SER B 199 -0.63 -15.80 4.36
C SER B 199 -1.42 -15.24 3.17
N THR B 200 -2.34 -14.31 3.48
CA THR B 200 -3.22 -13.69 2.50
C THR B 200 -2.50 -12.68 1.59
N SER B 201 -1.28 -12.28 1.96
CA SER B 201 -0.55 -11.23 1.22
C SER B 201 0.95 -11.44 1.19
N TYR B 202 1.65 -10.59 0.44
CA TYR B 202 3.10 -10.70 0.21
C TYR B 202 3.98 -10.04 1.28
N ARG B 203 5.29 -10.05 1.05
CA ARG B 203 6.28 -9.47 1.96
C ARG B 203 6.85 -8.12 1.47
N ILE B 204 6.31 -7.05 2.02
CA ILE B 204 6.50 -5.68 1.55
C ILE B 204 7.88 -5.11 1.88
N PRO B 205 8.61 -4.58 0.89
CA PRO B 205 9.93 -4.04 1.18
C PRO B 205 9.88 -2.78 2.02
N VAL B 206 10.30 -2.86 3.26
CA VAL B 206 10.35 -1.67 4.10
C VAL B 206 11.58 -0.86 3.71
N HIS B 207 11.41 -0.03 2.69
CA HIS B 207 12.55 0.52 2.00
C HIS B 207 12.16 1.74 1.21
N ALA B 208 12.94 2.80 1.33
CA ALA B 208 12.56 4.04 0.69
C ALA B 208 12.51 3.83 -0.79
N ASP B 209 11.45 4.36 -1.39
CA ASP B 209 11.31 4.58 -2.83
C ASP B 209 10.85 3.41 -3.67
N PHE B 210 10.30 2.38 -3.01
CA PHE B 210 9.66 1.26 -3.73
C PHE B 210 8.22 1.61 -3.78
N LEU B 211 7.50 1.13 -4.79
CA LEU B 211 6.02 1.20 -4.80
C LEU B 211 5.36 0.03 -5.49
N ILE B 212 4.43 -0.61 -4.81
CA ILE B 212 3.82 -1.81 -5.35
C ILE B 212 2.31 -1.69 -5.61
N ALA B 213 1.92 -1.88 -6.86
CA ALA B 213 0.51 -1.83 -7.28
C ALA B 213 0.04 -3.19 -7.77
N PHE B 214 -0.78 -3.84 -6.96
CA PHE B 214 -1.07 -5.24 -7.10
C PHE B 214 -2.58 -5.47 -7.29
N SER B 215 -2.98 -6.11 -8.41
CA SER B 215 -4.40 -6.31 -8.68
C SER B 215 -5.07 -7.56 -8.10
N THR B 216 -5.04 -8.69 -8.78
CA THR B 216 -5.87 -9.87 -8.39
C THR B 216 -7.37 -9.78 -8.62
N VAL B 217 -7.93 -8.60 -8.89
CA VAL B 217 -9.36 -8.48 -9.24
C VAL B 217 -9.56 -9.23 -10.56
N PRO B 218 -10.32 -10.32 -10.56
CA PRO B 218 -10.40 -11.05 -11.82
C PRO B 218 -11.48 -10.58 -12.81
N GLY B 219 -11.83 -9.30 -12.86
CA GLY B 219 -12.76 -8.80 -13.91
C GLY B 219 -12.05 -8.37 -15.18
N TYR B 220 -12.62 -8.68 -16.33
CA TYR B 220 -11.99 -8.41 -17.61
C TYR B 220 -13.03 -7.83 -18.55
N PHE B 221 -12.59 -7.23 -19.64
CA PHE B 221 -13.49 -7.03 -20.79
C PHE B 221 -13.42 -8.28 -21.66
N SER B 222 -14.51 -8.63 -22.33
CA SER B 222 -14.46 -9.78 -23.23
C SER B 222 -15.19 -9.50 -24.54
N TRP B 223 -14.75 -10.17 -25.62
CA TRP B 223 -15.19 -9.81 -26.96
C TRP B 223 -16.28 -10.69 -27.56
N ARG B 224 -16.16 -12.00 -27.46
CA ARG B 224 -17.38 -12.77 -27.60
C ARG B 224 -17.45 -13.72 -26.46
N ASN B 225 -17.14 -14.98 -26.74
CA ASN B 225 -16.88 -15.91 -25.67
C ASN B 225 -15.53 -15.53 -25.07
N THR B 226 -14.57 -15.16 -25.92
CA THR B 226 -13.18 -14.94 -25.47
C THR B 226 -12.98 -13.72 -24.59
N THR B 227 -12.03 -13.77 -23.65
CA THR B 227 -11.77 -12.60 -22.80
C THR B 227 -10.60 -11.78 -23.35
N ARG B 228 -10.28 -10.64 -22.70
CA ARG B 228 -9.19 -9.74 -23.15
C ARG B 228 -9.08 -8.39 -22.43
N GLY B 229 -7.99 -8.13 -21.73
CA GLY B 229 -7.89 -6.81 -21.13
C GLY B 229 -8.65 -6.73 -19.81
N SER B 230 -7.91 -6.55 -18.72
CA SER B 230 -8.49 -6.53 -17.43
C SER B 230 -8.87 -5.09 -17.14
N TRP B 231 -9.97 -4.95 -16.42
CA TRP B 231 -10.41 -3.69 -15.91
C TRP B 231 -9.20 -2.91 -15.36
N PHE B 232 -8.41 -3.55 -14.49
CA PHE B 232 -7.22 -2.92 -13.90
C PHE B 232 -6.27 -2.27 -14.91
N MET B 233 -5.83 -3.05 -15.88
CA MET B 233 -4.84 -2.58 -16.83
C MET B 233 -5.36 -1.52 -17.78
N GLN B 234 -6.57 -1.69 -18.27
CA GLN B 234 -7.16 -0.67 -19.13
C GLN B 234 -7.31 0.61 -18.32
N ALA B 235 -7.73 0.47 -17.07
CA ALA B 235 -7.80 1.59 -16.17
C ALA B 235 -6.41 2.20 -16.01
N LEU B 236 -5.42 1.35 -15.76
CA LEU B 236 -4.08 1.83 -15.53
C LEU B 236 -3.63 2.67 -16.73
N CYS B 237 -3.77 2.09 -17.92
CA CYS B 237 -3.31 2.73 -19.12
C CYS B 237 -4.04 4.04 -19.42
N GLU B 238 -5.37 4.02 -19.40
CA GLU B 238 -6.13 5.26 -19.60
C GLU B 238 -5.65 6.40 -18.68
N GLU B 239 -5.43 6.10 -17.39
CA GLU B 239 -4.95 7.13 -16.48
C GLU B 239 -3.54 7.59 -16.85
N LEU B 240 -2.65 6.65 -17.10
CA LEU B 240 -1.27 6.96 -17.51
C LEU B 240 -1.19 7.73 -18.81
N ARG B 241 -2.16 7.53 -19.69
CA ARG B 241 -2.10 8.12 -21.02
C ARG B 241 -2.66 9.54 -21.04
N TYR B 242 -3.95 9.65 -20.74
CA TYR B 242 -4.64 10.92 -20.78
C TYR B 242 -4.59 11.64 -19.43
N ALA B 243 -3.42 11.62 -18.78
CA ALA B 243 -3.27 12.33 -17.52
C ALA B 243 -1.96 12.01 -16.83
N GLY B 244 -1.25 11.01 -17.35
CA GLY B 244 -0.03 10.51 -16.71
C GLY B 244 1.08 11.54 -16.57
N THR B 245 0.80 12.76 -17.06
CA THR B 245 1.82 13.78 -17.23
C THR B 245 1.55 15.07 -16.42
N GLU B 246 0.36 15.23 -15.87
CA GLU B 246 0.08 16.38 -15.01
C GLU B 246 -0.42 16.01 -13.60
N ARG B 247 -0.37 14.71 -13.26
CA ARG B 247 -0.81 14.23 -11.96
C ARG B 247 0.14 13.22 -11.38
N ASP B 248 0.28 13.24 -10.05
CA ASP B 248 1.20 12.36 -9.33
C ASP B 248 0.78 10.90 -9.41
N ILE B 249 1.75 10.01 -9.36
CA ILE B 249 1.50 8.58 -9.53
C ILE B 249 0.43 8.06 -8.58
N LEU B 250 0.39 8.61 -7.37
CA LEU B 250 -0.52 8.11 -6.36
C LEU B 250 -1.98 8.54 -6.57
N THR B 251 -2.19 9.78 -6.97
CA THR B 251 -3.55 10.22 -7.25
C THR B 251 -4.04 9.39 -8.41
N LEU B 252 -3.16 9.22 -9.36
CA LEU B 252 -3.41 8.44 -10.53
C LEU B 252 -3.91 7.06 -10.17
N LEU B 253 -3.14 6.36 -9.36
CA LEU B 253 -3.54 5.00 -9.01
C LEU B 253 -4.81 5.06 -8.16
N THR B 254 -5.01 6.15 -7.45
CA THR B 254 -6.27 6.25 -6.77
C THR B 254 -7.41 6.15 -7.77
N PHE B 255 -7.39 7.00 -8.79
CA PHE B 255 -8.41 6.93 -9.82
C PHE B 255 -8.49 5.56 -10.55
N VAL B 256 -7.38 4.83 -10.64
CA VAL B 256 -7.41 3.46 -11.15
C VAL B 256 -8.30 2.57 -10.24
N CYS B 257 -8.07 2.59 -8.94
CA CYS B 257 -8.98 1.92 -8.02
C CYS B 257 -10.45 2.22 -8.25
N GLN B 258 -10.80 3.51 -8.31
CA GLN B 258 -12.18 3.94 -8.55
C GLN B 258 -12.75 3.24 -9.76
N LYS B 259 -12.00 3.27 -10.87
CA LYS B 259 -12.40 2.61 -12.08
C LYS B 259 -12.59 1.12 -11.85
N VAL B 260 -11.69 0.45 -11.09
CA VAL B 260 -11.89 -1.00 -10.82
C VAL B 260 -13.10 -1.23 -9.94
N ALA B 261 -13.17 -0.49 -8.83
CA ALA B 261 -14.25 -0.64 -7.89
C ALA B 261 -15.55 -0.53 -8.65
N LEU B 262 -15.62 0.37 -9.63
CA LEU B 262 -16.89 0.70 -10.32
C LEU B 262 -17.43 -0.35 -11.29
N ASP B 263 -16.53 -1.13 -11.90
CA ASP B 263 -16.96 -2.24 -12.76
C ASP B 263 -17.42 -3.43 -11.94
N PHE B 264 -16.80 -3.57 -10.77
CA PHE B 264 -17.23 -4.46 -9.72
C PHE B 264 -18.68 -4.11 -9.27
N GLU B 265 -19.61 -4.85 -9.85
CA GLU B 265 -21.06 -4.51 -9.98
C GLU B 265 -21.51 -5.04 -11.38
N SER B 266 -20.52 -5.61 -12.06
CA SER B 266 -20.71 -6.56 -13.09
C SER B 266 -20.05 -7.77 -12.42
N ASN B 267 -20.47 -8.08 -11.19
CA ASN B 267 -19.75 -8.98 -10.25
C ASN B 267 -20.62 -9.99 -9.48
N ALA B 268 -20.20 -11.24 -9.52
CA ALA B 268 -21.03 -12.45 -9.33
C ALA B 268 -22.36 -12.39 -8.60
N PRO B 269 -22.39 -11.94 -7.32
CA PRO B 269 -23.70 -11.76 -6.68
C PRO B 269 -24.28 -10.33 -6.79
N ASP B 270 -24.37 -9.62 -5.66
CA ASP B 270 -24.79 -8.19 -5.61
C ASP B 270 -26.03 -7.85 -6.48
N SER B 271 -27.03 -8.74 -6.49
CA SER B 271 -28.02 -8.78 -7.58
C SER B 271 -29.09 -7.66 -7.69
N ALA B 272 -28.77 -6.45 -7.20
CA ALA B 272 -29.67 -5.26 -7.26
C ALA B 272 -29.05 -3.96 -6.74
N MET B 273 -29.83 -2.88 -6.78
CA MET B 273 -29.55 -1.59 -6.10
C MET B 273 -28.19 -0.91 -6.46
N MET B 274 -27.79 0.02 -5.60
CA MET B 274 -26.58 0.83 -5.78
C MET B 274 -25.39 0.13 -5.14
N HIS B 275 -25.63 -0.39 -3.93
CA HIS B 275 -24.59 -0.92 -3.02
C HIS B 275 -23.70 0.20 -2.44
N GLN B 276 -22.55 -0.20 -1.92
CA GLN B 276 -21.50 0.76 -1.57
C GLN B 276 -20.39 0.64 -2.63
N GLN B 277 -19.25 0.06 -2.24
CA GLN B 277 -18.08 0.04 -3.14
C GLN B 277 -17.66 -1.33 -3.74
N LYS B 278 -16.51 -1.89 -3.37
CA LYS B 278 -15.99 -3.10 -4.06
C LYS B 278 -14.74 -3.88 -3.56
N GLN B 279 -14.02 -4.43 -4.55
CA GLN B 279 -12.74 -5.13 -4.46
C GLN B 279 -11.82 -4.48 -5.53
N VAL B 280 -10.65 -4.02 -5.12
CA VAL B 280 -9.88 -3.05 -5.87
C VAL B 280 -8.46 -3.53 -5.94
N PRO B 281 -7.58 -2.84 -6.69
CA PRO B 281 -6.11 -3.05 -6.59
C PRO B 281 -5.55 -2.71 -5.19
N CYS B 282 -4.31 -3.08 -4.91
CA CYS B 282 -3.69 -2.73 -3.62
C CYS B 282 -2.50 -1.87 -3.83
N ILE B 283 -2.50 -0.66 -3.31
CA ILE B 283 -1.37 0.19 -3.64
C ILE B 283 -0.50 0.35 -2.43
N THR B 284 0.66 -0.30 -2.43
CA THR B 284 1.57 -0.12 -1.31
C THR B 284 2.63 0.87 -1.69
N SER B 285 2.82 1.89 -0.86
CA SER B 285 3.79 2.92 -1.15
C SER B 285 4.77 3.23 -0.03
N MET B 286 6.06 3.12 -0.35
CA MET B 286 7.12 3.61 0.48
C MET B 286 7.82 4.77 -0.19
N LEU B 287 7.13 5.44 -1.12
CA LEU B 287 7.67 6.64 -1.78
C LEU B 287 7.89 7.80 -0.79
N THR B 288 8.97 8.58 -1.02
CA THR B 288 9.33 9.74 -0.17
C THR B 288 9.13 11.11 -0.83
N ARG B 289 8.73 11.15 -2.10
CA ARG B 289 8.43 12.40 -2.79
C ARG B 289 7.24 12.15 -3.65
N LEU B 290 6.53 13.20 -4.05
CA LEU B 290 5.53 13.07 -5.09
C LEU B 290 6.27 12.65 -6.37
N LEU B 291 5.65 11.79 -7.17
CA LEU B 291 6.25 11.33 -8.41
C LEU B 291 5.42 11.73 -9.63
N VAL B 292 5.82 12.81 -10.27
CA VAL B 292 5.13 13.24 -11.48
C VAL B 292 5.97 12.84 -12.68
N PHE B 293 5.36 12.14 -13.63
CA PHE B 293 6.04 11.79 -14.88
C PHE B 293 6.37 13.08 -15.65
N GLY B 294 7.61 13.52 -15.45
CA GLY B 294 8.10 14.79 -15.98
C GLY B 294 8.58 14.60 -17.40
N LYS B 295 9.34 15.57 -17.89
CA LYS B 295 9.77 15.56 -19.28
C LYS B 295 10.98 16.47 -19.59
N LYS B 296 11.52 16.27 -20.80
CA LYS B 296 12.66 16.97 -21.36
C LYS B 296 12.96 16.25 -22.68
N GLN B 297 12.51 16.85 -23.78
CA GLN B 297 12.63 16.24 -25.11
C GLN B 297 14.09 15.96 -25.49
N SER B 298 14.83 17.02 -25.85
CA SER B 298 16.27 16.93 -26.13
C SER B 298 17.06 16.84 -24.81
N HIS B 299 16.42 16.23 -23.82
CA HIS B 299 16.84 16.21 -22.41
C HIS B 299 17.14 17.61 -21.83
#